data_4CJV
#
_entry.id   4CJV
#
_cell.length_a   71.200
_cell.length_b   71.200
_cell.length_c   66.760
_cell.angle_alpha   90.00
_cell.angle_beta   90.00
_cell.angle_gamma   120.00
#
_symmetry.space_group_name_H-M   'P 31'
#
loop_
_entity.id
_entity.type
_entity.pdbx_description
1 polymer INTEGRASE
2 non-polymer 'SULFATE ION'
3 non-polymer GLYCEROL
4 non-polymer 5-chloranyl-4-methyl-1,3-benzothiazol-2-amine
5 non-polymer 'ACETATE ION'
6 water water
#
_entity_poly.entity_id   1
_entity_poly.type   'polypeptide(L)'
_entity_poly.pdbx_seq_one_letter_code
;MGSSHHHHHHSSGLVPRGSHMHGQVDSSPGIWQLDCTHLEGKVILVAVHVASGYIEAEVIPAETGQETAYFLLKLAGRWP
VKTVHTDNGSNFTSTTVKAACWWAGIKQEDGIPYNPQSQGVIESMNKELKKIIGQVRDQAEHLKTAVQMAVFIHNHKRKG
GIGGYSAGERIVDIIATDIQTKE
;
_entity_poly.pdbx_strand_id   A,B
#
loop_
_chem_comp.id
_chem_comp.type
_chem_comp.name
_chem_comp.formula
ACT non-polymer 'ACETATE ION' 'C2 H3 O2 -1'
GOL non-polymer GLYCEROL 'C3 H8 O3'
IV2 non-polymer 5-chloranyl-4-methyl-1,3-benzothiazol-2-amine 'C8 H7 Cl N2 S'
SO4 non-polymer 'SULFATE ION' 'O4 S -2'
#
# COMPACT_ATOMS: atom_id res chain seq x y z
N SER A 27 0.37 -18.38 12.83
CA SER A 27 0.72 -17.07 13.49
C SER A 27 -0.19 -15.97 12.96
N SER A 28 -1.18 -15.63 13.79
CA SER A 28 -2.27 -14.70 13.46
C SER A 28 -1.87 -13.28 12.97
N PRO A 29 -0.75 -12.71 13.46
CA PRO A 29 -0.31 -11.42 12.91
C PRO A 29 -0.03 -11.41 11.40
N GLY A 30 0.34 -12.56 10.83
CA GLY A 30 0.71 -12.65 9.42
C GLY A 30 -0.35 -13.16 8.47
N ILE A 31 -1.58 -13.34 8.94
CA ILE A 31 -2.62 -14.01 8.14
C ILE A 31 -3.54 -13.01 7.42
N TRP A 32 -3.62 -13.15 6.11
CA TRP A 32 -4.47 -12.31 5.29
C TRP A 32 -5.40 -13.18 4.45
N GLN A 33 -6.52 -12.59 4.04
CA GLN A 33 -7.52 -13.26 3.22
CA GLN A 33 -7.54 -13.26 3.23
C GLN A 33 -7.83 -12.42 2.00
N LEU A 34 -7.78 -13.06 0.82
CA LEU A 34 -8.13 -12.40 -0.42
C LEU A 34 -9.65 -12.46 -0.62
N ASP A 35 -10.18 -11.41 -1.24
CA ASP A 35 -11.62 -11.25 -1.43
C ASP A 35 -11.79 -10.48 -2.75
N CYS A 36 -12.55 -11.06 -3.67
CA CYS A 36 -12.82 -10.43 -4.96
C CYS A 36 -14.30 -10.10 -5.03
N THR A 37 -14.64 -8.83 -5.28
CA THR A 37 -16.04 -8.43 -5.40
C THR A 37 -16.19 -7.60 -6.68
N HIS A 38 -17.44 -7.37 -7.08
CA HIS A 38 -17.73 -6.74 -8.37
C HIS A 38 -18.62 -5.52 -8.23
N LEU A 39 -18.38 -4.53 -9.08
CA LEU A 39 -19.17 -3.29 -9.12
C LEU A 39 -18.93 -2.57 -10.44
N GLU A 40 -20.01 -2.04 -11.03
CA GLU A 40 -19.96 -1.30 -12.30
C GLU A 40 -19.27 -2.09 -13.41
N GLY A 41 -19.51 -3.40 -13.44
CA GLY A 41 -18.86 -4.28 -14.41
C GLY A 41 -17.35 -4.41 -14.23
N LYS A 42 -16.82 -3.98 -13.08
CA LYS A 42 -15.40 -4.08 -12.80
C LYS A 42 -15.16 -4.95 -11.58
N VAL A 43 -13.88 -5.24 -11.34
CA VAL A 43 -13.47 -6.14 -10.29
C VAL A 43 -12.71 -5.35 -9.23
N ILE A 44 -13.06 -5.57 -7.97
CA ILE A 44 -12.36 -4.97 -6.84
C ILE A 44 -11.70 -6.10 -6.06
N LEU A 45 -10.38 -6.08 -5.98
CA LEU A 45 -9.62 -7.09 -5.27
C LEU A 45 -9.24 -6.53 -3.91
N VAL A 46 -9.62 -7.24 -2.85
CA VAL A 46 -9.38 -6.83 -1.47
C VAL A 46 -8.53 -7.87 -0.72
N ALA A 47 -7.56 -7.40 0.05
CA ALA A 47 -6.86 -8.22 1.03
C ALA A 47 -7.24 -7.75 2.41
N VAL A 48 -7.68 -8.68 3.26
CA VAL A 48 -8.09 -8.35 4.61
C VAL A 48 -7.12 -8.99 5.59
N HIS A 49 -6.61 -8.17 6.50
CA HIS A 49 -5.82 -8.67 7.61
C HIS A 49 -6.82 -9.19 8.63
N VAL A 50 -6.90 -10.51 8.74
CA VAL A 50 -8.03 -11.18 9.40
C VAL A 50 -8.18 -10.72 10.85
N ALA A 51 -7.09 -10.70 11.60
CA ALA A 51 -7.16 -10.36 13.03
C ALA A 51 -7.57 -8.91 13.33
N SER A 52 -7.39 -7.98 12.39
CA SER A 52 -7.65 -6.56 12.62
C SER A 52 -8.82 -6.00 11.82
N GLY A 53 -9.11 -6.58 10.66
CA GLY A 53 -10.09 -6.02 9.73
C GLY A 53 -9.52 -4.96 8.80
N TYR A 54 -8.22 -4.70 8.90
CA TYR A 54 -7.54 -3.74 8.03
C TYR A 54 -7.50 -4.27 6.61
N ILE A 55 -7.68 -3.39 5.63
CA ILE A 55 -7.68 -3.79 4.23
C ILE A 55 -6.78 -2.95 3.33
N GLU A 56 -6.37 -3.57 2.24
CA GLU A 56 -5.88 -2.88 1.05
C GLU A 56 -6.73 -3.38 -0.11
N ALA A 57 -6.94 -2.53 -1.11
CA ALA A 57 -7.80 -2.88 -2.25
C ALA A 57 -7.38 -2.17 -3.53
N GLU A 58 -7.69 -2.79 -4.65
CA GLU A 58 -7.44 -2.21 -5.97
CA GLU A 58 -7.44 -2.22 -5.97
C GLU A 58 -8.56 -2.57 -6.93
N VAL A 59 -8.78 -1.71 -7.92
CA VAL A 59 -9.68 -2.03 -9.02
C VAL A 59 -8.82 -2.64 -10.13
N ILE A 60 -9.28 -3.76 -10.68
CA ILE A 60 -8.63 -4.38 -11.83
C ILE A 60 -9.64 -4.68 -12.93
N PRO A 61 -9.18 -4.81 -14.19
CA PRO A 61 -10.11 -5.10 -15.28
C PRO A 61 -10.77 -6.47 -15.10
N ALA A 62 -9.97 -7.44 -14.67
CA ALA A 62 -10.40 -8.83 -14.52
C ALA A 62 -9.53 -9.53 -13.52
N GLU A 63 -10.06 -10.52 -12.81
CA GLU A 63 -9.24 -11.25 -11.84
C GLU A 63 -8.42 -12.36 -12.49
N THR A 64 -7.29 -11.99 -13.06
CA THR A 64 -6.35 -12.95 -13.62
C THR A 64 -5.31 -13.34 -12.56
N GLY A 65 -4.55 -14.39 -12.88
CA GLY A 65 -3.40 -14.78 -12.07
C GLY A 65 -2.38 -13.66 -12.00
N GLN A 66 -2.09 -13.04 -13.14
CA GLN A 66 -1.10 -11.98 -13.19
C GLN A 66 -1.48 -10.78 -12.31
N GLU A 67 -2.73 -10.35 -12.38
CA GLU A 67 -3.20 -9.25 -11.53
C GLU A 67 -3.11 -9.62 -10.05
N THR A 68 -3.57 -10.82 -9.69
CA THR A 68 -3.56 -11.26 -8.30
C THR A 68 -2.12 -11.38 -7.78
N ALA A 69 -1.23 -11.92 -8.61
CA ALA A 69 0.19 -12.06 -8.29
C ALA A 69 0.82 -10.71 -7.97
N TYR A 70 0.56 -9.73 -8.83
CA TYR A 70 1.11 -8.38 -8.66
C TYR A 70 0.57 -7.71 -7.39
N PHE A 71 -0.73 -7.86 -7.14
CA PHE A 71 -1.37 -7.33 -5.93
C PHE A 71 -0.73 -7.89 -4.65
N LEU A 72 -0.46 -9.19 -4.64
CA LEU A 72 0.15 -9.85 -3.49
C LEU A 72 1.59 -9.40 -3.27
N LEU A 73 2.32 -9.20 -4.36
CA LEU A 73 3.68 -8.71 -4.30
C LEU A 73 3.69 -7.32 -3.64
N LYS A 74 2.80 -6.44 -4.07
CA LYS A 74 2.70 -5.11 -3.47
CA LYS A 74 2.70 -5.11 -3.47
C LYS A 74 2.37 -5.20 -1.98
N LEU A 75 1.37 -6.01 -1.66
CA LEU A 75 0.93 -6.16 -0.27
C LEU A 75 2.07 -6.63 0.64
N ALA A 76 2.82 -7.62 0.19
CA ALA A 76 3.85 -8.24 1.04
C ALA A 76 5.12 -7.39 1.16
N GLY A 77 5.30 -6.43 0.25
CA GLY A 77 6.35 -5.44 0.40
C GLY A 77 6.02 -4.38 1.42
N ARG A 78 4.73 -4.28 1.77
CA ARG A 78 4.21 -3.21 2.62
C ARG A 78 3.86 -3.65 4.06
N TRP A 79 3.48 -4.92 4.22
CA TRP A 79 3.14 -5.55 5.50
C TRP A 79 3.76 -6.96 5.54
N PRO A 80 4.02 -7.50 6.74
CA PRO A 80 4.64 -8.81 6.87
C PRO A 80 3.62 -9.93 6.65
N VAL A 81 3.38 -10.24 5.38
CA VAL A 81 2.38 -11.22 4.97
C VAL A 81 3.01 -12.62 5.01
N LYS A 82 2.53 -13.45 5.93
CA LYS A 82 3.07 -14.80 6.10
C LYS A 82 2.20 -15.86 5.41
N THR A 83 0.88 -15.71 5.56
CA THR A 83 -0.09 -16.66 5.03
C THR A 83 -1.19 -15.92 4.31
N VAL A 84 -1.56 -16.39 3.13
CA VAL A 84 -2.69 -15.83 2.39
CA VAL A 84 -2.69 -15.84 2.40
C VAL A 84 -3.73 -16.92 2.12
N HIS A 85 -4.96 -16.68 2.56
CA HIS A 85 -6.07 -17.54 2.16
C HIS A 85 -6.58 -16.99 0.85
N THR A 86 -6.36 -17.73 -0.23
CA THR A 86 -6.71 -17.27 -1.57
C THR A 86 -8.23 -17.32 -1.72
N ASP A 87 -8.77 -16.53 -2.64
CA ASP A 87 -10.22 -16.30 -2.70
C ASP A 87 -10.97 -17.35 -3.52
N ASN A 88 -10.26 -18.07 -4.37
CA ASN A 88 -10.86 -19.12 -5.18
C ASN A 88 -9.82 -20.11 -5.66
N GLY A 89 -10.28 -21.21 -6.26
CA GLY A 89 -9.40 -22.27 -6.70
C GLY A 89 -8.52 -21.94 -7.90
N SER A 90 -8.97 -21.03 -8.75
CA SER A 90 -8.18 -20.63 -9.92
C SER A 90 -6.91 -19.88 -9.49
N ASN A 91 -7.06 -18.95 -8.55
CA ASN A 91 -5.90 -18.27 -7.97
C ASN A 91 -5.04 -19.20 -7.10
N PHE A 92 -5.66 -20.16 -6.44
CA PHE A 92 -4.92 -21.16 -5.66
C PHE A 92 -4.03 -22.00 -6.59
N THR A 93 -4.58 -22.32 -7.76
CA THR A 93 -3.92 -23.15 -8.76
C THR A 93 -2.90 -22.38 -9.61
N SER A 94 -3.14 -21.10 -9.82
CA SER A 94 -2.38 -20.28 -10.77
C SER A 94 -0.86 -20.37 -10.55
N THR A 95 -0.13 -20.69 -11.61
CA THR A 95 1.33 -20.77 -11.51
C THR A 95 1.93 -19.38 -11.27
N THR A 96 1.29 -18.34 -11.81
CA THR A 96 1.77 -16.99 -11.60
CA THR A 96 1.76 -16.97 -11.58
C THR A 96 1.55 -16.54 -10.13
N VAL A 97 0.41 -16.91 -9.55
CA VAL A 97 0.16 -16.59 -8.14
C VAL A 97 1.14 -17.36 -7.25
N LYS A 98 1.36 -18.63 -7.54
CA LYS A 98 2.35 -19.44 -6.82
C LYS A 98 3.77 -18.87 -6.93
N ALA A 99 4.13 -18.35 -8.10
CA ALA A 99 5.44 -17.74 -8.28
C ALA A 99 5.59 -16.49 -7.42
N ALA A 100 4.53 -15.67 -7.36
CA ALA A 100 4.55 -14.48 -6.50
C ALA A 100 4.64 -14.86 -5.03
N CYS A 101 3.87 -15.86 -4.61
CA CYS A 101 3.93 -16.30 -3.20
C CYS A 101 5.31 -16.86 -2.86
N TRP A 102 5.89 -17.64 -3.77
CA TRP A 102 7.26 -18.09 -3.58
C TRP A 102 8.20 -16.88 -3.46
N TRP A 103 8.14 -15.97 -4.42
CA TRP A 103 9.04 -14.82 -4.43
C TRP A 103 8.99 -14.06 -3.11
N ALA A 104 7.76 -13.76 -2.67
CA ALA A 104 7.52 -12.90 -1.53
C ALA A 104 7.51 -13.63 -0.18
N GLY A 105 7.75 -14.95 -0.15
CA GLY A 105 7.79 -15.70 1.11
C GLY A 105 6.43 -15.92 1.75
N ILE A 106 5.40 -16.03 0.93
CA ILE A 106 4.03 -16.18 1.43
C ILE A 106 3.61 -17.63 1.33
N LYS A 107 3.03 -18.15 2.41
CA LYS A 107 2.39 -19.46 2.37
CA LYS A 107 2.37 -19.45 2.39
C LYS A 107 0.98 -19.31 1.81
N GLN A 108 0.76 -19.90 0.65
CA GLN A 108 -0.53 -19.86 -0.01
C GLN A 108 -1.39 -21.00 0.55
N GLU A 109 -2.56 -20.67 1.04
CA GLU A 109 -3.51 -21.67 1.51
C GLU A 109 -4.82 -21.51 0.77
N ASP A 110 -5.67 -22.51 0.86
CA ASP A 110 -7.05 -22.37 0.38
C ASP A 110 -7.75 -21.36 1.30
N GLY A 111 -9.00 -21.02 0.97
CA GLY A 111 -9.77 -20.08 1.76
C GLY A 111 -11.09 -20.71 2.17
N ILE A 112 -11.07 -22.04 2.31
CA ILE A 112 -12.29 -22.79 2.64
C ILE A 112 -12.66 -22.39 4.07
N PRO A 113 -13.85 -21.78 4.24
CA PRO A 113 -14.27 -21.44 5.58
C PRO A 113 -14.60 -22.69 6.41
N TYR A 114 -13.57 -23.34 6.96
CA TYR A 114 -13.75 -24.40 7.94
C TYR A 114 -14.55 -23.81 9.10
N ASN A 115 -14.29 -22.53 9.37
CA ASN A 115 -15.14 -21.73 10.25
C ASN A 115 -16.23 -21.04 9.41
N PRO A 116 -17.51 -21.38 9.64
CA PRO A 116 -18.60 -20.88 8.79
C PRO A 116 -18.86 -19.37 8.85
N GLN A 117 -18.49 -18.72 9.96
CA GLN A 117 -18.69 -17.28 10.11
C GLN A 117 -17.74 -16.43 9.24
N SER A 118 -16.70 -17.05 8.70
CA SER A 118 -15.76 -16.37 7.80
C SER A 118 -16.42 -15.87 6.52
N GLN A 119 -17.30 -16.68 5.93
CA GLN A 119 -18.14 -16.24 4.80
C GLN A 119 -18.84 -14.93 5.11
N GLY A 120 -19.59 -14.95 6.22
CA GLY A 120 -20.46 -13.86 6.59
C GLY A 120 -19.74 -12.56 6.90
N VAL A 121 -18.55 -12.66 7.48
CA VAL A 121 -17.74 -11.48 7.78
C VAL A 121 -17.27 -10.79 6.50
N ILE A 122 -16.86 -11.58 5.51
CA ILE A 122 -16.43 -11.03 4.22
C ILE A 122 -17.60 -10.42 3.44
N GLU A 123 -18.71 -11.15 3.39
CA GLU A 123 -19.94 -10.69 2.76
C GLU A 123 -20.35 -9.33 3.33
N SER A 124 -20.33 -9.23 4.65
CA SER A 124 -20.68 -7.98 5.34
C SER A 124 -19.72 -6.87 4.97
N MET A 125 -18.43 -7.15 4.94
CA MET A 125 -17.44 -6.15 4.56
C MET A 125 -17.66 -5.69 3.11
N ASN A 126 -17.95 -6.63 2.21
CA ASN A 126 -18.25 -6.26 0.83
C ASN A 126 -19.45 -5.32 0.72
N LYS A 127 -20.50 -5.62 1.47
CA LYS A 127 -21.67 -4.74 1.52
C LYS A 127 -21.31 -3.35 2.09
N GLU A 128 -20.51 -3.34 3.17
CA GLU A 128 -20.08 -2.08 3.79
C GLU A 128 -19.23 -1.26 2.82
N LEU A 129 -18.27 -1.91 2.17
CA LEU A 129 -17.40 -1.20 1.21
C LEU A 129 -18.21 -0.61 0.08
N LYS A 130 -19.14 -1.39 -0.45
CA LYS A 130 -19.99 -0.91 -1.55
C LYS A 130 -20.86 0.26 -1.11
N LYS A 131 -21.33 0.21 0.14
CA LYS A 131 -22.06 1.34 0.74
C LYS A 131 -21.21 2.59 0.74
N ILE A 132 -19.98 2.48 1.24
CA ILE A 132 -19.09 3.65 1.32
C ILE A 132 -18.81 4.18 -0.08
N ILE A 133 -18.50 3.27 -1.01
CA ILE A 133 -18.25 3.67 -2.39
C ILE A 133 -19.44 4.50 -2.91
N GLY A 134 -20.66 4.03 -2.64
CA GLY A 134 -21.86 4.78 -3.02
C GLY A 134 -21.93 6.16 -2.40
N GLN A 135 -21.53 6.28 -1.13
CA GLN A 135 -21.54 7.56 -0.43
C GLN A 135 -20.52 8.57 -0.98
N VAL A 136 -19.42 8.09 -1.56
CA VAL A 136 -18.38 8.96 -2.11
C VAL A 136 -18.41 9.03 -3.62
N ARG A 137 -19.20 8.17 -4.27
CA ARG A 137 -19.03 7.91 -5.71
C ARG A 137 -19.01 9.19 -6.53
N ASP A 138 -19.87 10.14 -6.17
CA ASP A 138 -19.98 11.41 -6.92
C ASP A 138 -18.78 12.34 -6.73
N GLN A 139 -18.00 12.13 -5.67
CA GLN A 139 -16.79 12.92 -5.44
C GLN A 139 -15.64 12.44 -6.32
N ALA A 140 -15.82 11.27 -6.94
CA ALA A 140 -14.77 10.63 -7.73
C ALA A 140 -15.20 10.51 -9.18
N GLU A 141 -14.36 11.02 -10.06
CA GLU A 141 -14.46 10.81 -11.50
C GLU A 141 -14.40 9.33 -11.90
N HIS A 142 -13.46 8.60 -11.29
CA HIS A 142 -13.21 7.19 -11.63
C HIS A 142 -13.48 6.30 -10.42
N LEU A 143 -13.93 5.07 -10.67
CA LEU A 143 -14.20 4.12 -9.61
C LEU A 143 -13.00 3.89 -8.70
N LYS A 144 -11.79 3.88 -9.26
CA LYS A 144 -10.61 3.57 -8.45
C LYS A 144 -10.39 4.59 -7.32
N THR A 145 -10.67 5.86 -7.59
CA THR A 145 -10.62 6.88 -6.57
C THR A 145 -11.64 6.61 -5.45
N ALA A 146 -12.87 6.23 -5.81
CA ALA A 146 -13.90 5.94 -4.84
C ALA A 146 -13.52 4.74 -3.98
N VAL A 147 -12.92 3.73 -4.61
CA VAL A 147 -12.46 2.55 -3.88
C VAL A 147 -11.40 2.91 -2.85
N GLN A 148 -10.44 3.77 -3.21
CA GLN A 148 -9.39 4.17 -2.27
C GLN A 148 -9.92 5.09 -1.15
N MET A 149 -10.91 5.91 -1.47
CA MET A 149 -11.64 6.64 -0.42
C MET A 149 -12.29 5.68 0.56
N ALA A 150 -12.91 4.62 0.03
CA ALA A 150 -13.52 3.59 0.88
C ALA A 150 -12.52 2.83 1.75
N VAL A 151 -11.35 2.51 1.18
CA VAL A 151 -10.26 1.89 1.96
C VAL A 151 -9.90 2.83 3.13
N PHE A 152 -9.71 4.11 2.81
CA PHE A 152 -9.39 5.11 3.81
C PHE A 152 -10.44 5.13 4.93
N ILE A 153 -11.70 5.31 4.56
CA ILE A 153 -12.78 5.39 5.55
C ILE A 153 -12.85 4.10 6.37
N HIS A 154 -12.76 2.95 5.70
CA HIS A 154 -12.81 1.66 6.40
C HIS A 154 -11.72 1.51 7.43
N ASN A 155 -10.49 1.82 7.05
CA ASN A 155 -9.35 1.63 7.95
C ASN A 155 -9.27 2.64 9.09
N HIS A 156 -9.89 3.80 8.92
CA HIS A 156 -9.89 4.83 9.96
C HIS A 156 -11.08 4.73 10.91
N LYS A 157 -12.14 4.03 10.51
CA LYS A 157 -13.38 4.01 11.29
C LYS A 157 -13.16 3.43 12.68
N ARG A 158 -13.58 4.18 13.70
CA ARG A 158 -13.40 3.78 15.08
C ARG A 158 -14.59 2.89 15.46
N LYS A 159 -14.31 1.71 16.02
CA LYS A 159 -15.36 0.72 16.32
C LYS A 159 -15.43 0.44 17.83
N GLY A 164 -12.48 2.59 21.90
CA GLY A 164 -12.66 1.74 20.73
C GLY A 164 -11.70 2.12 19.61
N TYR A 165 -11.12 1.12 18.94
CA TYR A 165 -10.00 1.34 18.05
C TYR A 165 -10.37 1.20 16.57
N SER A 166 -9.53 1.77 15.70
CA SER A 166 -9.69 1.60 14.25
C SER A 166 -8.95 0.34 13.79
N ALA A 167 -9.27 -0.16 12.60
CA ALA A 167 -8.55 -1.30 12.02
C ALA A 167 -7.06 -0.99 11.87
N GLY A 168 -6.74 0.23 11.45
CA GLY A 168 -5.34 0.67 11.33
C GLY A 168 -4.58 0.59 12.64
N GLU A 169 -5.24 1.02 13.71
CA GLU A 169 -4.67 0.94 15.05
C GLU A 169 -4.43 -0.50 15.47
N ARG A 170 -5.41 -1.37 15.18
CA ARG A 170 -5.32 -2.77 15.59
C ARG A 170 -4.22 -3.52 14.86
N ILE A 171 -4.10 -3.32 13.56
CA ILE A 171 -3.05 -4.04 12.81
C ILE A 171 -1.66 -3.65 13.31
N VAL A 172 -1.44 -2.37 13.55
CA VAL A 172 -0.14 -1.91 14.06
C VAL A 172 0.16 -2.49 15.45
N ASP A 173 -0.83 -2.48 16.35
CA ASP A 173 -0.70 -3.05 17.70
C ASP A 173 -0.39 -4.54 17.66
N ILE A 174 -1.12 -5.27 16.83
CA ILE A 174 -0.94 -6.71 16.69
C ILE A 174 0.47 -7.03 16.22
N ILE A 175 0.93 -6.30 15.21
CA ILE A 175 2.22 -6.59 14.61
C ILE A 175 3.36 -6.09 15.49
N ALA A 176 3.17 -4.97 16.18
CA ALA A 176 4.21 -4.45 17.08
C ALA A 176 4.44 -5.44 18.23
N THR A 177 3.36 -5.89 18.84
CA THR A 177 3.40 -6.90 19.92
C THR A 177 4.14 -8.16 19.46
N ASP A 178 3.85 -8.61 18.25
CA ASP A 178 4.50 -9.76 17.64
C ASP A 178 6.02 -9.57 17.48
N ILE A 179 6.45 -8.37 17.11
CA ILE A 179 7.88 -8.05 17.11
C ILE A 179 8.36 -7.95 18.55
N SER B 27 4.83 16.19 14.64
CA SER B 27 4.73 14.79 15.18
C SER B 27 5.35 13.80 14.20
N SER B 28 6.56 13.38 14.53
CA SER B 28 7.41 12.54 13.68
C SER B 28 6.82 11.19 13.18
N PRO B 29 5.96 10.52 13.97
CA PRO B 29 5.31 9.32 13.44
C PRO B 29 4.48 9.52 12.15
N GLY B 30 3.95 10.73 11.95
CA GLY B 30 3.08 11.02 10.80
C GLY B 30 3.74 11.72 9.61
N ILE B 31 5.06 11.86 9.61
CA ILE B 31 5.74 12.66 8.58
C ILE B 31 6.29 11.81 7.44
N TRP B 32 5.87 12.14 6.22
CA TRP B 32 6.31 11.46 5.03
C TRP B 32 6.89 12.47 4.03
N GLN B 33 7.75 11.99 3.16
CA GLN B 33 8.40 12.80 2.14
CA GLN B 33 8.38 12.81 2.14
C GLN B 33 8.19 12.17 0.77
N LEU B 34 7.74 12.97 -0.18
CA LEU B 34 7.59 12.51 -1.56
C LEU B 34 8.91 12.64 -2.29
N ASP B 35 9.14 11.71 -3.21
CA ASP B 35 10.39 11.62 -3.97
C ASP B 35 10.03 11.07 -5.34
N CYS B 36 10.40 11.80 -6.38
CA CYS B 36 10.16 11.38 -7.76
C CYS B 36 11.50 11.12 -8.44
N THR B 37 11.68 9.91 -8.97
CA THR B 37 12.92 9.57 -9.67
C THR B 37 12.57 8.94 -11.03
N HIS B 38 13.57 8.81 -11.89
CA HIS B 38 13.33 8.39 -13.27
C HIS B 38 14.17 7.19 -13.66
N LEU B 39 13.60 6.33 -14.50
CA LEU B 39 14.27 5.14 -15.00
C LEU B 39 13.53 4.61 -16.23
N GLU B 40 14.29 4.21 -17.25
CA GLU B 40 13.74 3.66 -18.50
C GLU B 40 12.71 4.58 -19.15
N GLY B 41 12.95 5.88 -19.07
CA GLY B 41 12.01 6.88 -19.59
C GLY B 41 10.69 6.94 -18.83
N LYS B 42 10.63 6.34 -17.65
CA LYS B 42 9.42 6.35 -16.84
C LYS B 42 9.68 7.02 -15.50
N VAL B 43 8.61 7.23 -14.75
CA VAL B 43 8.64 7.96 -13.51
C VAL B 43 8.30 7.01 -12.37
N ILE B 44 9.11 7.05 -11.31
CA ILE B 44 8.87 6.26 -10.12
C ILE B 44 8.58 7.25 -8.99
N LEU B 45 7.39 7.16 -8.43
CA LEU B 45 7.00 8.03 -7.33
C LEU B 45 7.14 7.26 -6.04
N VAL B 46 7.91 7.82 -5.09
CA VAL B 46 8.18 7.20 -3.81
C VAL B 46 7.70 8.09 -2.67
N ALA B 47 7.07 7.48 -1.66
CA ALA B 47 6.82 8.12 -0.38
C ALA B 47 7.68 7.46 0.67
N VAL B 48 8.43 8.27 1.43
CA VAL B 48 9.32 7.76 2.46
C VAL B 48 8.81 8.21 3.81
N HIS B 49 8.64 7.25 4.72
CA HIS B 49 8.35 7.56 6.10
C HIS B 49 9.68 7.95 6.73
N VAL B 50 9.83 9.24 7.00
CA VAL B 50 11.14 9.83 7.29
C VAL B 50 11.82 9.17 8.49
N ALA B 51 11.09 9.00 9.59
CA ALA B 51 11.66 8.44 10.81
C ALA B 51 12.11 6.98 10.72
N SER B 52 11.55 6.20 9.78
CA SER B 52 11.85 4.77 9.68
C SER B 52 12.64 4.36 8.42
N GLY B 53 12.49 5.13 7.35
CA GLY B 53 13.03 4.74 6.04
C GLY B 53 12.10 3.82 5.25
N TYR B 54 10.93 3.51 5.80
CA TYR B 54 9.94 2.67 5.12
C TYR B 54 9.41 3.40 3.90
N ILE B 55 9.17 2.69 2.80
CA ILE B 55 8.65 3.29 1.58
C ILE B 55 7.45 2.57 0.97
N GLU B 56 6.67 3.35 0.22
CA GLU B 56 5.76 2.83 -0.77
C GLU B 56 6.13 3.53 -2.09
N ALA B 57 5.91 2.85 -3.21
CA ALA B 57 6.29 3.38 -4.51
C ALA B 57 5.40 2.85 -5.62
N GLU B 58 5.29 3.65 -6.69
CA GLU B 58 4.55 3.25 -7.89
CA GLU B 58 4.53 3.29 -7.89
C GLU B 58 5.24 3.79 -9.14
N VAL B 59 5.05 3.09 -10.25
CA VAL B 59 5.47 3.60 -11.54
C VAL B 59 4.29 4.35 -12.14
N ILE B 60 4.54 5.55 -12.65
CA ILE B 60 3.52 6.31 -13.37
C ILE B 60 4.05 6.81 -14.71
N PRO B 61 3.15 7.12 -15.67
CA PRO B 61 3.63 7.59 -16.97
C PRO B 61 4.35 8.93 -16.85
N ALA B 62 3.80 9.81 -16.01
CA ALA B 62 4.30 11.17 -15.84
C ALA B 62 3.88 11.68 -14.48
N GLU B 63 4.68 12.57 -13.88
CA GLU B 63 4.30 13.12 -12.58
C GLU B 63 3.33 14.30 -12.70
N THR B 64 2.05 13.98 -12.85
CA THR B 64 1.01 14.98 -12.86
C THR B 64 0.44 15.19 -11.46
N GLY B 65 -0.36 16.24 -11.31
CA GLY B 65 -1.10 16.48 -10.08
C GLY B 65 -2.06 15.34 -9.80
N GLN B 66 -2.77 14.89 -10.83
CA GLN B 66 -3.74 13.81 -10.67
C GLN B 66 -3.09 12.51 -10.18
N GLU B 67 -1.96 12.14 -10.77
CA GLU B 67 -1.25 10.93 -10.33
C GLU B 67 -0.76 11.05 -8.89
N THR B 68 -0.16 12.20 -8.56
CA THR B 68 0.37 12.43 -7.22
C THR B 68 -0.78 12.42 -6.19
N ALA B 69 -1.89 13.06 -6.54
CA ALA B 69 -3.09 13.11 -5.69
C ALA B 69 -3.60 11.72 -5.37
N TYR B 70 -3.72 10.89 -6.39
CA TYR B 70 -4.20 9.52 -6.23
C TYR B 70 -3.24 8.68 -5.37
N PHE B 71 -1.94 8.83 -5.61
CA PHE B 71 -0.91 8.13 -4.82
C PHE B 71 -0.99 8.47 -3.32
N LEU B 72 -1.21 9.76 -3.02
CA LEU B 72 -1.33 10.21 -1.64
C LEU B 72 -2.57 9.68 -0.97
N LEU B 73 -3.68 9.65 -1.72
CA LEU B 73 -4.93 9.10 -1.22
C LEU B 73 -4.74 7.63 -0.83
N LYS B 74 -4.09 6.86 -1.69
CA LYS B 74 -3.82 5.46 -1.37
CA LYS B 74 -3.80 5.45 -1.38
C LYS B 74 -2.95 5.33 -0.13
N LEU B 75 -1.88 6.12 -0.07
CA LEU B 75 -0.94 6.06 1.05
C LEU B 75 -1.63 6.36 2.39
N ALA B 76 -2.47 7.40 2.40
CA ALA B 76 -3.10 7.84 3.65
C ALA B 76 -4.25 6.93 4.12
N GLY B 77 -4.79 6.13 3.21
CA GLY B 77 -5.73 5.09 3.58
C GLY B 77 -5.06 3.90 4.23
N ARG B 78 -3.75 3.78 4.06
CA ARG B 78 -2.98 2.62 4.49
C ARG B 78 -2.11 2.85 5.73
N TRP B 79 -1.65 4.09 5.93
CA TRP B 79 -0.84 4.53 7.07
C TRP B 79 -1.35 5.89 7.55
N PRO B 80 -1.12 6.24 8.82
CA PRO B 80 -1.62 7.51 9.37
C PRO B 80 -0.72 8.67 8.96
N VAL B 81 -0.96 9.16 7.74
CA VAL B 81 -0.17 10.24 7.14
C VAL B 81 -0.69 11.59 7.63
N LYS B 82 0.12 12.29 8.40
CA LYS B 82 -0.28 13.58 8.97
C LYS B 82 0.31 14.75 8.17
N THR B 83 1.57 14.63 7.80
CA THR B 83 2.31 15.68 7.09
C THR B 83 3.04 15.09 5.92
N VAL B 84 2.95 15.74 4.77
CA VAL B 84 3.71 15.33 3.59
CA VAL B 84 3.74 15.33 3.62
C VAL B 84 4.60 16.47 3.11
N HIS B 85 5.90 16.20 2.99
CA HIS B 85 6.79 17.15 2.34
C HIS B 85 6.75 16.80 0.87
N THR B 86 6.17 17.70 0.08
CA THR B 86 5.98 17.46 -1.34
C THR B 86 7.34 17.57 -2.04
N ASP B 87 7.47 16.95 -3.20
CA ASP B 87 8.77 16.77 -3.83
C ASP B 87 9.20 17.94 -4.70
N ASN B 88 8.24 18.76 -5.11
CA ASN B 88 8.53 19.94 -5.93
C ASN B 88 7.42 20.97 -5.82
N GLY B 89 7.66 22.14 -6.39
CA GLY B 89 6.70 23.24 -6.29
C GLY B 89 5.43 23.06 -7.10
N SER B 90 5.50 22.31 -8.19
CA SER B 90 4.32 22.07 -9.02
C SER B 90 3.29 21.24 -8.26
N ASN B 91 3.75 20.18 -7.60
CA ASN B 91 2.87 19.38 -6.74
C ASN B 91 2.42 20.15 -5.48
N PHE B 92 3.28 21.02 -4.97
CA PHE B 92 2.92 21.87 -3.83
C PHE B 92 1.77 22.82 -4.21
N THR B 93 1.84 23.32 -5.45
CA THR B 93 0.86 24.27 -5.98
C THR B 93 -0.41 23.61 -6.50
N SER B 94 -0.30 22.38 -6.98
CA SER B 94 -1.39 21.69 -7.67
C SER B 94 -2.72 21.69 -6.91
N THR B 95 -3.79 22.15 -7.56
CA THR B 95 -5.09 22.16 -6.90
C THR B 95 -5.59 20.74 -6.66
N THR B 96 -5.25 19.82 -7.56
CA THR B 96 -5.64 18.43 -7.39
CA THR B 96 -5.63 18.40 -7.39
C THR B 96 -4.91 17.78 -6.20
N VAL B 97 -3.62 18.09 -6.04
CA VAL B 97 -2.87 17.58 -4.89
C VAL B 97 -3.42 18.17 -3.59
N LYS B 98 -3.71 19.47 -3.59
CA LYS B 98 -4.32 20.12 -2.44
C LYS B 98 -5.69 19.54 -2.09
N ALA B 99 -6.49 19.20 -3.09
CA ALA B 99 -7.79 18.57 -2.86
C ALA B 99 -7.63 17.21 -2.20
N ALA B 100 -6.67 16.41 -2.66
CA ALA B 100 -6.39 15.10 -2.05
C ALA B 100 -5.90 15.26 -0.61
N CYS B 101 -5.01 16.21 -0.36
CA CYS B 101 -4.52 16.44 1.00
C CYS B 101 -5.66 16.90 1.93
N TRP B 102 -6.50 17.78 1.42
CA TRP B 102 -7.69 18.16 2.19
C TRP B 102 -8.54 16.92 2.46
N TRP B 103 -8.87 16.18 1.42
CA TRP B 103 -9.76 15.02 1.58
C TRP B 103 -9.23 14.07 2.66
N ALA B 104 -7.95 13.74 2.55
CA ALA B 104 -7.31 12.72 3.39
C ALA B 104 -6.77 13.25 4.72
N GLY B 105 -6.94 14.52 5.02
CA GLY B 105 -6.50 15.07 6.31
C GLY B 105 -4.99 15.23 6.42
N ILE B 106 -4.33 15.49 5.30
CA ILE B 106 -2.87 15.60 5.26
C ILE B 106 -2.48 17.07 5.23
N LYS B 107 -1.52 17.44 6.09
CA LYS B 107 -0.89 18.75 6.02
CA LYS B 107 -0.91 18.76 6.00
C LYS B 107 0.18 18.75 4.94
N GLN B 108 -0.04 19.51 3.88
CA GLN B 108 0.92 19.59 2.80
C GLN B 108 1.94 20.65 3.15
N GLU B 109 3.21 20.29 3.11
CA GLU B 109 4.29 21.24 3.34
C GLU B 109 5.22 21.24 2.14
N ASP B 110 6.08 22.25 2.05
CA ASP B 110 7.17 22.21 1.07
C ASP B 110 8.13 21.09 1.49
N GLY B 111 9.15 20.85 0.68
CA GLY B 111 10.14 19.82 0.98
C GLY B 111 11.52 20.43 0.95
N ILE B 112 11.59 21.72 1.29
CA ILE B 112 12.87 22.43 1.26
C ILE B 112 13.73 21.85 2.37
N PRO B 113 14.87 21.25 2.01
CA PRO B 113 15.76 20.71 3.03
C PRO B 113 16.41 21.82 3.85
N TYR B 114 15.68 22.35 4.83
CA TYR B 114 16.24 23.27 5.82
C TYR B 114 17.39 22.53 6.51
N ASN B 115 17.23 21.22 6.66
CA ASN B 115 18.31 20.33 7.02
C ASN B 115 18.98 19.80 5.74
N PRO B 116 20.28 20.14 5.54
CA PRO B 116 20.96 19.81 4.27
C PRO B 116 21.17 18.30 4.01
N GLN B 117 21.22 17.49 5.07
CA GLN B 117 21.43 16.05 4.91
C GLN B 117 20.20 15.31 4.33
N SER B 118 19.05 15.98 4.31
CA SER B 118 17.82 15.42 3.74
C SER B 118 17.94 15.13 2.25
N GLN B 119 18.57 16.05 1.50
CA GLN B 119 18.90 15.82 0.09
C GLN B 119 19.64 14.50 -0.09
N GLY B 120 20.74 14.37 0.66
CA GLY B 120 21.67 13.26 0.51
C GLY B 120 21.08 11.91 0.86
N VAL B 121 20.18 11.88 1.85
CA VAL B 121 19.51 10.65 2.25
C VAL B 121 18.58 10.14 1.14
N ILE B 122 17.87 11.06 0.50
CA ILE B 122 16.97 10.69 -0.61
C ILE B 122 17.75 10.25 -1.84
N GLU B 123 18.77 11.02 -2.19
CA GLU B 123 19.66 10.70 -3.31
C GLU B 123 20.24 9.29 -3.14
N SER B 124 20.70 8.98 -1.94
CA SER B 124 21.23 7.66 -1.62
C SER B 124 20.18 6.57 -1.78
N MET B 125 18.98 6.84 -1.28
CA MET B 125 17.89 5.86 -1.41
C MET B 125 17.53 5.64 -2.89
N ASN B 126 17.49 6.70 -3.68
CA ASN B 126 17.25 6.56 -5.12
C ASN B 126 18.29 5.68 -5.79
N LYS B 127 19.56 5.89 -5.46
CA LYS B 127 20.64 5.05 -5.97
CA LYS B 127 20.64 5.05 -5.99
C LYS B 127 20.47 3.59 -5.52
N GLU B 128 20.15 3.40 -4.25
CA GLU B 128 19.93 2.04 -3.71
C GLU B 128 18.75 1.35 -4.40
N LEU B 129 17.63 2.06 -4.54
CA LEU B 129 16.46 1.49 -5.19
C LEU B 129 16.76 1.09 -6.63
N LYS B 130 17.46 1.97 -7.35
CA LYS B 130 17.81 1.68 -8.74
C LYS B 130 18.75 0.49 -8.84
N LYS B 131 19.64 0.36 -7.87
CA LYS B 131 20.52 -0.83 -7.75
C LYS B 131 19.69 -2.10 -7.62
N ILE B 132 18.74 -2.09 -6.69
CA ILE B 132 17.92 -3.28 -6.46
C ILE B 132 17.11 -3.60 -7.71
N ILE B 133 16.48 -2.58 -8.30
CA ILE B 133 15.73 -2.78 -9.53
C ILE B 133 16.63 -3.48 -10.58
N GLY B 134 17.87 -3.02 -10.72
CA GLY B 134 18.82 -3.68 -11.62
C GLY B 134 19.07 -5.14 -11.29
N GLN B 135 19.17 -5.45 -10.00
CA GLN B 135 19.42 -6.83 -9.55
C GLN B 135 18.24 -7.76 -9.82
N VAL B 136 17.02 -7.22 -9.87
CA VAL B 136 15.82 -8.03 -10.12
C VAL B 136 15.26 -7.87 -11.52
N ARG B 137 15.78 -6.91 -12.28
CA ARG B 137 15.10 -6.45 -13.49
C ARG B 137 14.74 -7.59 -14.43
N ASP B 138 15.64 -8.57 -14.57
CA ASP B 138 15.43 -9.70 -15.48
C ASP B 138 14.36 -10.68 -15.00
N GLN B 139 14.04 -10.65 -13.71
CA GLN B 139 12.98 -11.50 -13.16
C GLN B 139 11.60 -10.94 -13.48
N ALA B 140 11.55 -9.69 -13.92
CA ALA B 140 10.32 -8.96 -14.15
C ALA B 140 10.18 -8.60 -15.63
N GLU B 141 9.05 -9.01 -16.19
CA GLU B 141 8.62 -8.59 -17.52
C GLU B 141 8.46 -7.06 -17.64
N HIS B 142 7.85 -6.45 -16.63
CA HIS B 142 7.53 -5.02 -16.63
C HIS B 142 8.25 -4.31 -15.49
N LEU B 143 8.60 -3.04 -15.71
CA LEU B 143 9.28 -2.25 -14.69
C LEU B 143 8.51 -2.20 -13.38
N LYS B 144 7.18 -2.14 -13.44
CA LYS B 144 6.39 -1.99 -12.21
C LYS B 144 6.58 -3.17 -11.25
N THR B 145 6.70 -4.38 -11.79
CA THR B 145 7.02 -5.54 -10.98
C THR B 145 8.38 -5.40 -10.30
N ALA B 146 9.39 -4.95 -11.04
CA ALA B 146 10.73 -4.77 -10.48
C ALA B 146 10.73 -3.73 -9.38
N VAL B 147 9.96 -2.66 -9.58
CA VAL B 147 9.85 -1.61 -8.56
C VAL B 147 9.23 -2.15 -7.27
N GLN B 148 8.19 -2.96 -7.38
CA GLN B 148 7.55 -3.54 -6.18
C GLN B 148 8.44 -4.59 -5.50
N MET B 149 9.24 -5.33 -6.27
CA MET B 149 10.26 -6.20 -5.70
C MET B 149 11.26 -5.37 -4.91
N ALA B 150 11.67 -4.23 -5.47
CA ALA B 150 12.59 -3.33 -4.77
C ALA B 150 12.01 -2.73 -3.48
N VAL B 151 10.73 -2.36 -3.51
CA VAL B 151 10.03 -1.91 -2.30
C VAL B 151 10.11 -3.03 -1.24
N PHE B 152 9.78 -4.25 -1.65
CA PHE B 152 9.81 -5.39 -0.76
C PHE B 152 11.22 -5.55 -0.14
N ILE B 153 12.22 -5.63 -0.98
CA ILE B 153 13.60 -5.83 -0.49
C ILE B 153 14.01 -4.67 0.43
N HIS B 154 13.71 -3.43 0.03
CA HIS B 154 14.07 -2.26 0.83
C HIS B 154 13.45 -2.31 2.21
N ASN B 155 12.15 -2.59 2.28
CA ASN B 155 11.44 -2.57 3.56
C ASN B 155 11.77 -3.74 4.48
N HIS B 156 12.24 -4.84 3.90
CA HIS B 156 12.59 -6.02 4.69
C HIS B 156 14.06 -6.03 5.15
N LYS B 157 14.91 -5.24 4.49
CA LYS B 157 16.36 -5.31 4.74
C LYS B 157 16.69 -4.98 6.18
N ARG B 158 17.43 -5.87 6.84
CA ARG B 158 17.80 -5.67 8.24
C ARG B 158 19.07 -4.82 8.27
N LYS B 159 19.06 -3.74 9.05
CA LYS B 159 20.17 -2.78 9.08
C LYS B 159 20.82 -2.73 10.46
N GLY B 164 19.62 -5.39 15.12
CA GLY B 164 19.31 -4.43 14.07
C GLY B 164 17.96 -4.71 13.42
N TYR B 165 17.23 -3.66 13.05
CA TYR B 165 15.84 -3.78 12.60
C TYR B 165 15.64 -3.42 11.11
N SER B 166 14.52 -3.88 10.55
CA SER B 166 14.12 -3.49 9.19
C SER B 166 13.29 -2.19 9.24
N ALA B 167 13.16 -1.50 8.10
CA ALA B 167 12.31 -0.32 8.02
C ALA B 167 10.87 -0.65 8.40
N GLY B 168 10.38 -1.80 7.96
CA GLY B 168 9.02 -2.25 8.31
C GLY B 168 8.81 -2.39 9.80
N GLU B 169 9.81 -2.96 10.48
CA GLU B 169 9.79 -3.09 11.93
C GLU B 169 9.78 -1.73 12.61
N ARG B 170 10.59 -0.80 12.11
CA ARG B 170 10.71 0.51 12.72
C ARG B 170 9.44 1.33 12.58
N ILE B 171 8.81 1.33 11.39
CA ILE B 171 7.60 2.12 11.22
C ILE B 171 6.50 1.62 12.14
N VAL B 172 6.34 0.32 12.26
CA VAL B 172 5.31 -0.25 13.13
C VAL B 172 5.58 0.11 14.60
N ASP B 173 6.83 -0.01 15.05
CA ASP B 173 7.22 0.34 16.43
CA ASP B 173 7.19 0.33 16.43
C ASP B 173 6.96 1.81 16.72
N ILE B 174 7.35 2.68 15.80
CA ILE B 174 7.18 4.11 15.96
C ILE B 174 5.70 4.46 16.11
N ILE B 175 4.88 3.88 15.24
CA ILE B 175 3.46 4.22 15.21
C ILE B 175 2.71 3.56 16.37
N ALA B 176 3.12 2.35 16.76
CA ALA B 176 2.47 1.68 17.90
C ALA B 176 2.72 2.47 19.19
N THR B 177 3.98 2.87 19.41
CA THR B 177 4.37 3.69 20.56
C THR B 177 3.55 4.99 20.61
N ASP B 178 3.39 5.63 19.45
CA ASP B 178 2.58 6.84 19.33
C ASP B 178 1.11 6.62 19.73
N ILE B 179 0.54 5.48 19.37
CA ILE B 179 -0.79 5.10 19.86
C ILE B 179 -0.67 4.73 21.33
S SO4 C . -19.82 -9.89 -5.70
O1 SO4 C . -21.12 -10.51 -5.62
O2 SO4 C . -19.97 -8.55 -6.21
O3 SO4 C . -19.24 -9.91 -4.37
O4 SO4 C . -18.93 -10.59 -6.61
S SO4 D . -14.09 4.57 -14.43
O1 SO4 D . -14.91 4.35 -13.26
O2 SO4 D . -14.23 3.44 -15.33
O3 SO4 D . -14.51 5.78 -15.10
O4 SO4 D . -12.70 4.70 -14.06
C1 GOL E . -1.38 -17.23 -15.62
O1 GOL E . -2.33 -16.22 -15.94
C2 GOL E . -2.12 -18.42 -15.05
O2 GOL E . -2.72 -18.01 -13.84
C3 GOL E . -1.07 -19.45 -14.70
O3 GOL E . -1.68 -20.65 -14.22
C1 IV2 F . -4.30 4.25 10.28
C2 IV2 F . -5.33 5.28 10.06
C3 IV2 F . -3.94 3.35 9.31
C4 IV2 F . -2.98 2.37 9.48
C5 IV2 F . -2.31 2.24 10.68
C6 IV2 F . -2.66 3.15 11.66
C7 IV2 F . -3.08 4.61 13.57
C8 IV2 F . -3.63 4.13 11.48
N1 IV2 F . -3.84 4.95 12.57
N3 IV2 F . -3.07 5.24 14.76
S IV2 F . -2.04 3.29 13.25
CL IV2 F . -4.75 3.45 7.78
S SO4 G . 16.36 11.20 -11.10
O1 SO4 G . 16.33 9.96 -11.84
O2 SO4 G . 15.20 11.97 -11.53
O3 SO4 G . 16.33 10.97 -9.68
O4 SO4 G . 17.58 11.92 -11.40
S SO4 H . 7.27 -1.97 -19.14
O1 SO4 H . 7.39 -3.08 -20.05
O2 SO4 H . 6.05 -2.11 -18.36
O3 SO4 H . 8.41 -1.93 -18.26
O4 SO4 H . 7.20 -0.72 -19.87
C ACT I . -3.66 1.33 -8.63
O ACT I . -4.53 1.59 -7.77
OXT ACT I . -3.76 0.41 -9.47
CH3 ACT I . -2.45 2.21 -8.64
C ACT J . -0.08 0.07 -9.42
O ACT J . -0.21 1.19 -10.00
OXT ACT J . 1.00 -0.35 -8.95
CH3 ACT J . -1.29 -0.80 -9.28
C ACT K . 0.90 3.07 -2.59
O ACT K . 1.91 2.64 -3.21
OXT ACT K . 0.84 4.24 -2.09
CH3 ACT K . -0.26 2.16 -2.41
C1 GOL L . -4.28 19.18 -12.20
O1 GOL L . -3.56 18.30 -13.04
C2 GOL L . -3.39 20.33 -11.84
O2 GOL L . -2.37 19.85 -11.00
C3 GOL L . -4.19 21.31 -11.03
O3 GOL L . -3.40 22.47 -10.79
C1 IV2 M . 7.56 -5.61 7.24
C2 IV2 M . 8.44 -6.55 6.51
C3 IV2 M . 6.88 -4.60 6.61
C4 IV2 M . 6.06 -3.72 7.28
C5 IV2 M . 5.87 -3.81 8.64
C6 IV2 M . 6.54 -4.83 9.28
C7 IV2 M . 7.63 -6.55 10.64
C8 IV2 M . 7.38 -5.71 8.61
N1 IV2 M . 7.97 -6.68 9.39
N3 IV2 M . 8.06 -7.35 11.64
S IV2 M . 6.55 -5.25 10.94
CL IV2 M . 7.08 -4.44 4.91
#